data_5E6C
#
_entry.id   5E6C
#
_cell.length_a   39.083
_cell.length_b   97.407
_cell.length_c   103.852
_cell.angle_alpha   90.00
_cell.angle_beta   90.00
_cell.angle_gamma   90.00
#
_symmetry.space_group_name_H-M   'P 21 21 21'
#
loop_
_entity.id
_entity.type
_entity.pdbx_description
1 polymer 'Glucocorticoid receptor'
2 polymer "DNA (5'-D(*AP*GP*TP*GP*GP*AP*AP*AP*TP*TP*CP*CP*CP*AP*CP*T)-3')"
3 polymer "DNA (5'-D(*AP*GP*TP*GP*GP*GP*AP*AP*TP*TP*TP*CP*CP*AP*CP*T)-3')"
4 non-polymer 'ZINC ION'
5 water water
#
loop_
_entity_poly.entity_id
_entity_poly.type
_entity_poly.pdbx_seq_one_letter_code
_entity_poly.pdbx_strand_id
1 'polypeptide(L)'
;MHHHHHHSSGVDLGTENLYFQSNAPPKLCLVCSDEASGCHYGVLTCGSCKVFFKRAVEGQHNYLCAGRNDCIIDKIRRKN
CPACRYRKCLQAGMNLEARKTKKKIKGIQQATTG
;
A,B
2 'polydeoxyribonucleotide' (DA)(DG)(DT)(DG)(DG)(DA)(DA)(DA)(DT)(DT)(DC)(DC)(DC)(DA)(DC)(DT) C
3 'polydeoxyribonucleotide' (DA)(DG)(DT)(DG)(DG)(DG)(DA)(DA)(DT)(DT)(DT)(DC)(DC)(DA)(DC)(DT) D
#
loop_
_chem_comp.id
_chem_comp.type
_chem_comp.name
_chem_comp.formula
DA DNA linking 2'-DEOXYADENOSINE-5'-MONOPHOSPHATE 'C10 H14 N5 O6 P'
DC DNA linking 2'-DEOXYCYTIDINE-5'-MONOPHOSPHATE 'C9 H14 N3 O7 P'
DG DNA linking 2'-DEOXYGUANOSINE-5'-MONOPHOSPHATE 'C10 H14 N5 O7 P'
DT DNA linking THYMIDINE-5'-MONOPHOSPHATE 'C10 H15 N2 O8 P'
ZN non-polymer 'ZINC ION' 'Zn 2'
#
# COMPACT_ATOMS: atom_id res chain seq x y z
N PRO A 26 2.35 -22.72 -16.41
CA PRO A 26 1.85 -21.92 -15.28
C PRO A 26 2.99 -21.49 -14.32
N LYS A 27 3.58 -20.31 -14.56
CA LYS A 27 4.71 -19.81 -13.74
C LYS A 27 4.40 -18.40 -13.16
N LEU A 28 4.40 -18.28 -11.83
CA LEU A 28 3.93 -17.05 -11.17
C LEU A 28 4.96 -16.29 -10.31
N CYS A 29 4.81 -14.97 -10.26
CA CYS A 29 5.70 -14.09 -9.47
C CYS A 29 5.76 -14.56 -8.02
N LEU A 30 6.94 -14.98 -7.57
CA LEU A 30 7.13 -15.48 -6.20
C LEU A 30 6.91 -14.40 -5.14
N VAL A 31 6.64 -13.18 -5.58
CA VAL A 31 6.38 -12.10 -4.66
C VAL A 31 4.90 -11.75 -4.68
N CYS A 32 4.32 -11.54 -5.86
CA CYS A 32 2.93 -11.09 -5.90
C CYS A 32 1.96 -12.02 -6.64
N SER A 33 2.44 -13.18 -7.09
CA SER A 33 1.64 -14.18 -7.79
C SER A 33 1.05 -13.71 -9.13
N ASP A 34 1.45 -12.53 -9.60
CA ASP A 34 1.13 -12.10 -10.96
C ASP A 34 1.78 -13.10 -11.91
N GLU A 35 1.65 -12.87 -13.21
CA GLU A 35 2.28 -13.83 -14.12
C GLU A 35 3.76 -13.48 -14.18
N ALA A 36 4.60 -14.47 -13.88
CA ALA A 36 6.05 -14.28 -13.92
C ALA A 36 6.55 -14.06 -15.36
N SER A 37 7.62 -13.30 -15.50
CA SER A 37 8.19 -13.03 -16.82
C SER A 37 9.60 -13.61 -16.95
N GLY A 38 10.14 -14.14 -15.86
CA GLY A 38 11.43 -14.80 -15.89
C GLY A 38 12.13 -14.80 -14.53
N CYS A 39 13.38 -15.24 -14.51
CA CYS A 39 14.18 -15.21 -13.29
C CYS A 39 14.89 -13.87 -13.25
N HIS A 40 14.45 -12.99 -12.34
CA HIS A 40 14.99 -11.65 -12.21
C HIS A 40 15.65 -11.47 -10.85
N TYR A 41 16.91 -11.07 -10.85
CA TYR A 41 17.66 -10.88 -9.63
C TYR A 41 17.65 -12.16 -8.81
N GLY A 42 17.59 -13.28 -9.52
CA GLY A 42 17.81 -14.59 -8.93
C GLY A 42 16.54 -15.28 -8.51
N VAL A 43 15.40 -14.67 -8.82
CA VAL A 43 14.13 -15.14 -8.32
C VAL A 43 13.03 -15.04 -9.38
N LEU A 44 12.14 -16.03 -9.43
CA LEU A 44 11.00 -15.99 -10.34
C LEU A 44 10.00 -14.89 -9.98
N THR A 45 9.91 -13.88 -10.85
CA THR A 45 9.12 -12.70 -10.57
C THR A 45 8.56 -12.06 -11.84
N CYS A 46 7.65 -11.13 -11.63
CA CYS A 46 7.02 -10.39 -12.72
C CYS A 46 7.77 -9.10 -13.02
N GLY A 47 7.44 -8.48 -14.14
CA GLY A 47 8.03 -7.22 -14.53
C GLY A 47 7.92 -6.15 -13.48
N SER A 48 6.76 -6.05 -12.83
CA SER A 48 6.54 -4.97 -11.87
C SER A 48 7.40 -5.18 -10.61
N CYS A 49 7.50 -6.41 -10.15
CA CYS A 49 8.26 -6.69 -8.95
C CYS A 49 9.78 -6.52 -9.21
N LYS A 50 10.23 -6.98 -10.38
CA LYS A 50 11.58 -6.68 -10.89
C LYS A 50 11.98 -5.22 -10.72
N VAL A 51 11.22 -4.31 -11.31
CA VAL A 51 11.61 -2.91 -11.28
C VAL A 51 11.23 -2.24 -9.95
N PHE A 52 10.20 -2.74 -9.27
CA PHE A 52 9.99 -2.30 -7.89
C PHE A 52 11.27 -2.56 -7.07
N PHE A 53 11.83 -3.75 -7.20
CA PHE A 53 13.02 -4.10 -6.40
C PHE A 53 14.25 -3.27 -6.79
N LYS A 54 14.51 -3.16 -8.08
CA LYS A 54 15.55 -2.28 -8.59
C LYS A 54 15.36 -0.87 -8.05
N ARG A 55 14.15 -0.32 -8.12
CA ARG A 55 13.92 1.01 -7.61
C ARG A 55 14.20 1.07 -6.11
N ALA A 56 13.73 0.08 -5.38
CA ALA A 56 13.86 0.09 -3.93
C ALA A 56 15.31 0.00 -3.46
N VAL A 57 16.14 -0.81 -4.12
CA VAL A 57 17.55 -0.96 -3.71
C VAL A 57 18.51 0.11 -4.19
N GLU A 58 18.18 0.83 -5.26
CA GLU A 58 19.08 1.90 -5.67
C GLU A 58 18.71 3.23 -4.99
N GLY A 59 17.48 3.31 -4.47
CA GLY A 59 17.02 4.46 -3.73
C GLY A 59 16.99 4.19 -2.23
N GLN A 60 16.06 4.77 -1.49
CA GLN A 60 16.22 4.76 -0.03
C GLN A 60 15.35 3.75 0.79
N HIS A 61 14.26 3.23 0.22
CA HIS A 61 13.45 2.15 0.87
C HIS A 61 13.07 2.30 2.37
N ASN A 62 12.94 3.53 2.86
CA ASN A 62 12.47 3.67 4.24
C ASN A 62 10.93 3.62 4.35
N TYR A 63 10.33 2.50 3.97
CA TYR A 63 8.87 2.39 3.98
C TYR A 63 8.36 2.04 5.37
N LEU A 64 7.09 2.36 5.63
CA LEU A 64 6.49 2.02 6.92
C LEU A 64 5.19 1.24 6.75
N CYS A 65 5.13 0.08 7.37
CA CYS A 65 3.94 -0.79 7.33
C CYS A 65 2.83 -0.28 8.20
N ALA A 66 1.60 -0.31 7.70
CA ALA A 66 0.47 0.16 8.47
C ALA A 66 -0.16 -0.96 9.29
N GLY A 67 0.26 -2.19 9.04
CA GLY A 67 -0.32 -3.35 9.70
C GLY A 67 0.70 -3.95 10.64
N ARG A 68 1.01 -5.22 10.48
CA ARG A 68 1.98 -5.87 11.36
C ARG A 68 3.12 -6.53 10.60
N ASN A 69 3.55 -5.90 9.51
CA ASN A 69 4.67 -6.42 8.73
C ASN A 69 4.48 -7.81 8.19
N ASP A 70 3.23 -8.17 7.90
CA ASP A 70 2.96 -9.43 7.22
C ASP A 70 1.80 -9.27 6.26
N CYS A 71 1.74 -8.13 5.58
CA CYS A 71 0.64 -7.80 4.70
C CYS A 71 0.61 -8.82 3.54
N ILE A 72 -0.58 -9.12 3.02
CA ILE A 72 -0.71 -10.05 1.89
C ILE A 72 -0.31 -9.36 0.58
N ILE A 73 0.71 -9.88 -0.09
CA ILE A 73 1.13 -9.25 -1.36
C ILE A 73 0.55 -9.99 -2.56
N ASP A 74 -0.36 -9.36 -3.29
CA ASP A 74 -0.83 -9.93 -4.56
C ASP A 74 -1.07 -8.81 -5.54
N LYS A 75 -1.54 -9.16 -6.73
CA LYS A 75 -1.50 -8.20 -7.83
C LYS A 75 -2.30 -6.95 -7.49
N ILE A 76 -3.45 -7.11 -6.86
CA ILE A 76 -4.27 -5.94 -6.54
C ILE A 76 -3.81 -5.20 -5.29
N ARG A 77 -3.09 -5.88 -4.40
CA ARG A 77 -2.70 -5.29 -3.13
C ARG A 77 -1.23 -4.88 -3.02
N ARG A 78 -0.38 -5.40 -3.91
CA ARG A 78 1.07 -5.18 -3.83
C ARG A 78 1.45 -3.69 -3.80
N LYS A 79 0.50 -2.82 -4.16
CA LYS A 79 0.73 -1.40 -4.10
C LYS A 79 0.44 -0.83 -2.70
N ASN A 80 -0.25 -1.60 -1.87
CA ASN A 80 -0.63 -1.11 -0.55
C ASN A 80 0.56 -0.93 0.39
N CYS A 81 1.46 -1.91 0.39
CA CYS A 81 2.53 -1.94 1.37
C CYS A 81 3.88 -2.19 0.75
N PRO A 82 4.53 -1.13 0.29
CA PRO A 82 5.92 -1.20 -0.21
C PRO A 82 6.82 -1.92 0.80
N ALA A 83 6.65 -1.64 2.09
CA ALA A 83 7.46 -2.27 3.14
C ALA A 83 7.44 -3.78 3.11
N CYS A 84 6.25 -4.35 3.03
CA CYS A 84 6.12 -5.80 3.08
C CYS A 84 6.52 -6.35 1.74
N ARG A 85 6.17 -5.65 0.66
CA ARG A 85 6.60 -6.09 -0.66
C ARG A 85 8.15 -6.19 -0.73
N TYR A 86 8.84 -5.16 -0.26
CA TYR A 86 10.29 -5.19 -0.28
C TYR A 86 10.80 -6.30 0.60
N ARG A 87 10.13 -6.50 1.73
CA ARG A 87 10.49 -7.59 2.64
C ARG A 87 10.32 -8.93 1.94
N LYS A 88 9.23 -9.13 1.21
CA LYS A 88 9.08 -10.41 0.52
C LYS A 88 10.17 -10.57 -0.55
N CYS A 89 10.54 -9.48 -1.23
CA CYS A 89 11.64 -9.57 -2.19
C CYS A 89 12.92 -10.05 -1.54
N LEU A 90 13.34 -9.40 -0.45
CA LEU A 90 14.55 -9.83 0.26
C LEU A 90 14.42 -11.25 0.80
N GLN A 91 13.25 -11.58 1.35
CA GLN A 91 13.08 -12.91 1.90
C GLN A 91 13.18 -13.98 0.80
N ALA A 92 12.73 -13.64 -0.40
CA ALA A 92 12.80 -14.58 -1.53
C ALA A 92 14.22 -14.72 -2.07
N GLY A 93 15.14 -13.84 -1.66
CA GLY A 93 16.56 -13.97 -2.05
C GLY A 93 16.98 -13.05 -3.19
N MET A 94 16.13 -12.10 -3.53
CA MET A 94 16.46 -11.20 -4.63
C MET A 94 17.70 -10.39 -4.32
N ASN A 95 18.55 -10.24 -5.34
CA ASN A 95 19.77 -9.44 -5.19
C ASN A 95 20.29 -9.02 -6.54
N LEU A 96 20.82 -7.81 -6.65
CA LEU A 96 21.20 -7.24 -7.96
C LEU A 96 22.29 -8.04 -8.63
N GLU A 97 23.17 -8.62 -7.81
CA GLU A 97 24.38 -9.26 -8.26
C GLU A 97 24.14 -10.70 -8.72
N ALA A 98 22.88 -11.14 -8.74
CA ALA A 98 22.56 -12.57 -8.93
C ALA A 98 22.96 -13.14 -10.31
N ARG A 99 22.59 -12.46 -11.39
CA ARG A 99 22.91 -12.95 -12.74
C ARG A 99 24.42 -13.04 -12.93
N LYS A 100 25.15 -12.10 -12.34
CA LYS A 100 26.61 -11.99 -12.46
C LYS A 100 27.38 -13.26 -11.99
N THR A 101 26.65 -14.26 -11.50
CA THR A 101 27.27 -15.52 -11.03
C THR A 101 26.37 -16.76 -11.25
N LYS A 102 26.49 -17.60 -12.31
CA LYS A 102 27.27 -17.55 -13.57
C LYS A 102 28.75 -18.03 -13.48
N LYS A 103 29.34 -18.06 -12.28
CA LYS A 103 30.65 -18.70 -12.12
C LYS A 103 30.89 -19.18 -10.70
N LYS B 27 -8.38 20.84 16.20
CA LYS B 27 -7.00 20.88 15.69
C LYS B 27 -6.72 19.82 14.60
N LEU B 28 -7.16 18.57 14.83
CA LEU B 28 -6.67 17.43 14.03
C LEU B 28 -7.74 16.64 13.26
N CYS B 29 -7.36 16.15 12.09
CA CYS B 29 -8.21 15.27 11.28
C CYS B 29 -8.62 14.04 12.07
N LEU B 30 -9.90 13.74 12.07
CA LEU B 30 -10.42 12.65 12.86
C LEU B 30 -10.12 11.30 12.19
N VAL B 31 -9.60 11.32 10.97
CA VAL B 31 -9.28 10.09 10.26
C VAL B 31 -7.79 9.78 10.34
N CYS B 32 -6.93 10.76 10.06
CA CYS B 32 -5.50 10.50 10.05
C CYS B 32 -4.68 11.30 11.07
N SER B 33 -5.34 12.17 11.84
CA SER B 33 -4.67 13.02 12.82
C SER B 33 -3.69 14.05 12.22
N ASP B 34 -3.71 14.20 10.90
CA ASP B 34 -3.01 15.32 10.28
C ASP B 34 -3.73 16.61 10.72
N GLU B 35 -3.16 17.77 10.40
CA GLU B 35 -3.81 19.01 10.79
C GLU B 35 -5.07 19.24 9.94
N ALA B 36 -6.19 19.43 10.63
CA ALA B 36 -7.49 19.57 9.98
C ALA B 36 -7.62 20.92 9.29
N SER B 37 -8.50 20.98 8.29
CA SER B 37 -8.69 22.22 7.56
C SER B 37 -10.09 22.77 7.82
N GLY B 38 -11.01 21.91 8.27
CA GLY B 38 -12.36 22.32 8.59
C GLY B 38 -13.33 21.15 8.69
N CYS B 39 -14.62 21.43 8.68
CA CYS B 39 -15.60 20.37 8.83
C CYS B 39 -16.15 19.93 7.47
N HIS B 40 -15.52 18.89 6.90
CA HIS B 40 -15.83 18.41 5.55
C HIS B 40 -16.72 17.20 5.58
N TYR B 41 -17.80 17.25 4.80
CA TYR B 41 -18.74 16.14 4.73
C TYR B 41 -19.25 15.69 6.11
N GLY B 42 -19.29 16.62 7.05
CA GLY B 42 -19.89 16.38 8.36
C GLY B 42 -18.91 16.10 9.47
N VAL B 43 -17.62 16.06 9.12
CA VAL B 43 -16.59 15.62 10.05
C VAL B 43 -15.35 16.48 9.94
N LEU B 44 -14.72 16.78 11.07
CA LEU B 44 -13.47 17.52 11.08
C LEU B 44 -12.35 16.70 10.43
N THR B 45 -11.92 17.10 9.24
CA THR B 45 -10.89 16.35 8.53
C THR B 45 -9.84 17.25 7.91
N CYS B 46 -8.75 16.63 7.44
CA CYS B 46 -7.74 17.30 6.63
C CYS B 46 -8.16 17.37 5.18
N GLY B 47 -7.36 18.05 4.37
CA GLY B 47 -7.59 18.15 2.94
C GLY B 47 -7.51 16.85 2.14
N SER B 48 -6.47 16.05 2.33
CA SER B 48 -6.40 14.81 1.54
C SER B 48 -7.51 13.84 1.94
N CYS B 49 -7.87 13.80 3.21
CA CYS B 49 -8.95 12.88 3.61
C CYS B 49 -10.30 13.27 2.98
N LYS B 50 -10.53 14.58 2.83
CA LYS B 50 -11.72 15.08 2.14
C LYS B 50 -11.83 14.60 0.70
N VAL B 51 -10.79 14.84 -0.08
CA VAL B 51 -10.80 14.45 -1.48
C VAL B 51 -10.83 12.93 -1.61
N PHE B 52 -10.07 12.23 -0.78
CA PHE B 52 -10.09 10.77 -0.80
C PHE B 52 -11.51 10.27 -0.60
N PHE B 53 -12.21 10.81 0.40
CA PHE B 53 -13.55 10.32 0.71
C PHE B 53 -14.51 10.53 -0.46
N LYS B 54 -14.50 11.75 -1.00
CA LYS B 54 -15.27 12.08 -2.20
C LYS B 54 -15.05 11.06 -3.30
N ARG B 55 -13.78 10.92 -3.68
CA ARG B 55 -13.39 10.02 -4.75
C ARG B 55 -13.84 8.56 -4.47
N ALA B 56 -13.77 8.14 -3.21
CA ALA B 56 -14.17 6.79 -2.84
C ALA B 56 -15.67 6.55 -3.01
N VAL B 57 -16.48 7.46 -2.47
CA VAL B 57 -17.93 7.31 -2.55
C VAL B 57 -18.45 7.41 -3.98
N GLU B 58 -17.89 8.33 -4.76
CA GLU B 58 -18.34 8.56 -6.14
C GLU B 58 -17.85 7.46 -7.08
N GLY B 59 -16.82 6.76 -6.64
CA GLY B 59 -16.24 5.70 -7.44
C GLY B 59 -16.90 4.36 -7.19
N GLN B 60 -16.64 3.42 -8.09
CA GLN B 60 -17.13 2.06 -8.00
C GLN B 60 -16.23 1.28 -7.06
N HIS B 61 -15.94 1.86 -5.89
CA HIS B 61 -14.74 1.44 -5.19
C HIS B 61 -14.96 0.50 -4.02
N ASN B 62 -14.51 -0.73 -4.27
CA ASN B 62 -14.43 -1.79 -3.28
C ASN B 62 -12.96 -2.05 -3.00
N TYR B 63 -12.48 -1.45 -1.93
CA TYR B 63 -11.11 -1.60 -1.53
C TYR B 63 -10.94 -2.84 -0.70
N LEU B 64 -9.73 -3.36 -0.71
CA LEU B 64 -9.42 -4.57 0.03
C LEU B 64 -8.15 -4.38 0.86
N CYS B 65 -8.25 -4.69 2.16
CA CYS B 65 -7.12 -4.55 3.10
C CYS B 65 -6.09 -5.66 2.90
N ALA B 66 -4.80 -5.37 3.05
CA ALA B 66 -3.82 -6.44 2.91
C ALA B 66 -3.51 -7.06 4.27
N GLY B 67 -4.15 -6.56 5.32
CA GLY B 67 -3.83 -6.98 6.67
C GLY B 67 -5.01 -7.59 7.38
N ARG B 68 -5.58 -6.84 8.33
CA ARG B 68 -6.59 -7.38 9.23
C ARG B 68 -7.80 -6.46 9.39
N ASN B 69 -8.00 -5.55 8.46
CA ASN B 69 -9.02 -4.49 8.60
C ASN B 69 -8.83 -3.64 9.85
N ASP B 70 -7.58 -3.46 10.28
CA ASP B 70 -7.29 -2.57 11.42
C ASP B 70 -5.96 -1.82 11.24
N CYS B 71 -5.74 -1.24 10.06
CA CYS B 71 -4.45 -0.66 9.72
C CYS B 71 -4.32 0.67 10.48
N ILE B 72 -3.09 1.08 10.78
CA ILE B 72 -2.83 2.40 11.39
C ILE B 72 -2.98 3.48 10.33
N ILE B 73 -3.93 4.38 10.52
CA ILE B 73 -4.12 5.44 9.54
C ILE B 73 -3.59 6.75 10.11
N ASP B 74 -2.42 7.18 9.63
CA ASP B 74 -1.86 8.48 10.04
C ASP B 74 -1.30 9.17 8.82
N LYS B 75 -0.63 10.30 9.01
CA LYS B 75 -0.21 11.12 7.88
C LYS B 75 0.70 10.37 6.91
N ILE B 76 1.58 9.53 7.44
CA ILE B 76 2.51 8.82 6.59
C ILE B 76 1.90 7.56 6.01
N ARG B 77 1.10 6.85 6.80
CA ARG B 77 0.60 5.55 6.38
C ARG B 77 -0.77 5.57 5.73
N ARG B 78 -1.48 6.71 5.81
CA ARG B 78 -2.89 6.72 5.42
C ARG B 78 -3.08 6.29 3.98
N LYS B 79 -2.05 6.44 3.16
CA LYS B 79 -2.22 6.11 1.76
C LYS B 79 -2.04 4.62 1.51
N ASN B 80 -1.46 3.92 2.49
CA ASN B 80 -1.24 2.47 2.36
C ASN B 80 -2.50 1.64 2.25
N CYS B 81 -3.56 2.02 2.96
CA CYS B 81 -4.76 1.20 2.96
C CYS B 81 -6.04 2.00 2.78
N PRO B 82 -6.46 2.17 1.53
CA PRO B 82 -7.72 2.88 1.28
C PRO B 82 -8.89 2.19 1.96
N ALA B 83 -8.88 0.86 2.06
CA ALA B 83 -9.96 0.15 2.75
C ALA B 83 -10.09 0.59 4.20
N CYS B 84 -9.00 0.56 4.96
CA CYS B 84 -9.11 0.97 6.35
C CYS B 84 -9.37 2.48 6.47
N ARG B 85 -8.79 3.25 5.58
CA ARG B 85 -9.03 4.71 5.57
C ARG B 85 -10.50 5.03 5.28
N TYR B 86 -11.05 4.36 4.28
CA TYR B 86 -12.45 4.55 3.95
C TYR B 86 -13.33 4.14 5.13
N ARG B 87 -13.06 2.97 5.71
CA ARG B 87 -13.83 2.51 6.87
C ARG B 87 -13.76 3.52 8.04
N LYS B 88 -12.60 4.13 8.26
CA LYS B 88 -12.51 5.16 9.30
C LYS B 88 -13.32 6.41 8.93
N CYS B 89 -13.39 6.74 7.64
CA CYS B 89 -14.20 7.87 7.19
C CYS B 89 -15.67 7.64 7.57
N LEU B 90 -16.18 6.46 7.22
CA LEU B 90 -17.57 6.08 7.50
C LEU B 90 -17.89 6.02 8.98
N GLN B 91 -16.99 5.46 9.76
CA GLN B 91 -17.22 5.31 11.20
C GLN B 91 -17.20 6.66 11.89
N ALA B 92 -16.56 7.63 11.27
CA ALA B 92 -16.46 8.96 11.85
C ALA B 92 -17.74 9.74 11.53
N GLY B 93 -18.53 9.17 10.63
CA GLY B 93 -19.82 9.73 10.25
C GLY B 93 -19.81 10.54 8.96
N MET B 94 -18.77 10.41 8.15
CA MET B 94 -18.68 11.23 6.94
C MET B 94 -19.76 10.85 5.96
N ASN B 95 -20.29 11.86 5.28
CA ASN B 95 -21.38 11.69 4.35
C ASN B 95 -21.43 12.91 3.45
N LEU B 96 -21.78 12.71 2.18
CA LEU B 96 -21.75 13.80 1.22
C LEU B 96 -22.71 14.96 1.58
N GLU B 97 -23.53 14.75 2.61
CA GLU B 97 -24.40 15.77 3.16
C GLU B 97 -23.94 16.24 4.56
N ALA B 98 -23.71 17.55 4.70
CA ALA B 98 -23.28 18.13 5.97
C ALA B 98 -24.47 18.40 6.90
ZN ZN E . 5.28 -9.63 -8.82
ZN ZN F . 2.83 -4.28 5.51
ZN ZN G . -6.11 -2.10 6.14
ZN ZN H . -6.84 13.19 7.30
#